data_7S9Q
#
_entry.id   7S9Q
#
_cell.length_a   54.624
_cell.length_b   78.583
_cell.length_c   54.916
_cell.angle_alpha   90.000
_cell.angle_beta   112.435
_cell.angle_gamma   90.000
#
_symmetry.space_group_name_H-M   'P 1 21 1'
#
loop_
_entity.id
_entity.type
_entity.pdbx_description
1 polymer 'DNA polymerase beta'
2 polymer "DNA (5'-D(P*GP*TP*CP*GP*G)-3')"
3 polymer "DNA (5'-D(*GP*CP*TP*GP*AP*TP*GP*CP*GP*A)-3')"
4 polymer "DNA (5'-D(*CP*CP*GP*AP*CP*(FAP)P*TP*CP*GP*CP*AP*TP*CP*AP*GP*C)-3')"
5 non-polymer 'SODIUM ION'
6 non-polymer 'MANGANESE (II) ION'
7 non-polymer "2'-deoxy-5'-O-[(S)-hydroxy{[(S)-hydroxy(phosphonooxy)phosphoryl]methyl}phosphoryl]adenosine"
8 non-polymer 'MAGNESIUM ION'
9 water water
#
loop_
_entity_poly.entity_id
_entity_poly.type
_entity_poly.pdbx_seq_one_letter_code
_entity_poly.pdbx_strand_id
1 'polypeptide(L)'
;MSKRKAPQETLNGGITDMLTELANFEKNVSQAIHKYNAYRKAASVIAKYPHKIKSGAEAKKLPGVGTKIAEKIDEFLATG
KLRKLEKIRQDDTSSSINFLTRVSGIGPSAARKFVDEGIKTLEDLRKNEDKLNHHQRIGLKYFGDFEKRIPREEMLQMQD
IVLNEVKKVDSEYIATVCGSFRRGAESSGDMDVLLTHPSFTSESTKQPKLLHQVVEQLQKVHFITDTLSKGETKFMGVCQ
LPSKNDEKEYPHRRIDIRLIPKDQYYCGVLYFTGSDIFNKNMRAHALEKGFTINEYTIRPLGVTGVAGEPLPVDSEKDIF
DYIQWKYREPKDRSE
;
A
2 'polydeoxyribonucleotide' (DG)(DT)(DC)(DG)(DG) D
3 'polydeoxyribonucleotide' (DG)(DC)(DT)(DG)(DA)(DT)(DG)(DC)(DG)(DA) P
4 'polydeoxyribonucleotide' (DC)(DC)(DG)(DA)(DC)(8NI)(DT)(DC)(DG)(DC)(DA)(DT)(DC)(DA)(DG)(DC) T
#
loop_
_chem_comp.id
_chem_comp.type
_chem_comp.name
_chem_comp.formula
8NI DNA linking N-[(5S)-2-amino-5-formamido-6-oxo-5,6-dihydropyrimidin-4-yl]-2-deoxy-5-O-phosphono-beta-D-erythro-pentofuranosylamine 'C10 H16 N5 O8 P'
DA DNA linking 2'-DEOXYADENOSINE-5'-MONOPHOSPHATE 'C10 H14 N5 O6 P'
DC DNA linking 2'-DEOXYCYTIDINE-5'-MONOPHOSPHATE 'C9 H14 N3 O7 P'
DG DNA linking 2'-DEOXYGUANOSINE-5'-MONOPHOSPHATE 'C10 H14 N5 O7 P'
DT DNA linking THYMIDINE-5'-MONOPHOSPHATE 'C10 H15 N2 O8 P'
F2A non-polymer 2'-deoxy-5'-O-[(S)-hydroxy{[(S)-hydroxy(phosphonooxy)phosphoryl]methyl}phosphoryl]adenosine 'C11 H18 N5 O11 P3'
MG non-polymer 'MAGNESIUM ION' 'Mg 2'
MN non-polymer 'MANGANESE (II) ION' 'Mn 2'
NA non-polymer 'SODIUM ION' 'Na 1'
#
# COMPACT_ATOMS: atom_id res chain seq x y z
N GLU A 9 10.52 18.01 -6.62
CA GLU A 9 11.65 17.42 -7.33
C GLU A 9 11.22 16.85 -8.68
N THR A 10 9.91 16.78 -8.91
CA THR A 10 9.34 16.29 -10.15
C THR A 10 8.77 17.46 -10.96
N LEU A 11 8.33 17.14 -12.18
CA LEU A 11 7.85 18.17 -13.10
C LEU A 11 6.68 18.95 -12.50
N ASN A 12 5.72 18.24 -11.93
CA ASN A 12 4.53 18.86 -11.35
C ASN A 12 4.39 18.47 -9.89
N GLY A 13 5.50 18.50 -9.15
CA GLY A 13 5.49 18.05 -7.76
C GLY A 13 4.65 18.92 -6.85
N GLY A 14 4.67 20.24 -7.09
CA GLY A 14 3.84 21.13 -6.29
C GLY A 14 2.37 20.82 -6.42
N ILE A 15 1.92 20.51 -7.63
CA ILE A 15 0.51 20.21 -7.85
C ILE A 15 0.15 18.86 -7.24
N THR A 16 0.98 17.84 -7.48
CA THR A 16 0.68 16.51 -6.96
C THR A 16 0.76 16.46 -5.45
N ASP A 17 1.65 17.25 -4.85
CA ASP A 17 1.68 17.35 -3.39
C ASP A 17 0.39 17.96 -2.86
N MET A 18 -0.08 19.03 -3.51
CA MET A 18 -1.35 19.62 -3.10
C MET A 18 -2.50 18.65 -3.24
N LEU A 19 -2.51 17.86 -4.32
CA LEU A 19 -3.61 16.91 -4.53
C LEU A 19 -3.56 15.77 -3.53
N THR A 20 -2.35 15.33 -3.17
CA THR A 20 -2.22 14.24 -2.20
C THR A 20 -2.68 14.68 -0.81
N GLU A 21 -2.33 15.90 -0.41
CA GLU A 21 -2.77 16.39 0.89
C GLU A 21 -4.29 16.55 0.93
N LEU A 22 -4.88 16.99 -0.18
CA LEU A 22 -6.34 17.06 -0.25
C LEU A 22 -6.96 15.67 -0.19
N ALA A 23 -6.31 14.68 -0.80
CA ALA A 23 -6.80 13.31 -0.74
C ALA A 23 -6.82 12.79 0.69
N ASN A 24 -5.72 12.96 1.41
CA ASN A 24 -5.63 12.49 2.78
C ASN A 24 -6.66 13.19 3.68
N PHE A 25 -6.94 14.47 3.41
CA PHE A 25 -7.97 15.17 4.16
C PHE A 25 -9.33 14.52 3.95
N GLU A 26 -9.66 14.19 2.69
CA GLU A 26 -10.97 13.59 2.41
C GLU A 26 -11.07 12.18 2.98
N LYS A 27 -9.95 11.46 3.05
CA LYS A 27 -9.98 10.11 3.64
C LYS A 27 -10.07 10.18 5.16
N ASN A 28 -9.24 11.03 5.78
CA ASN A 28 -9.11 11.01 7.22
C ASN A 28 -10.21 11.82 7.91
N VAL A 29 -10.51 13.01 7.40
CA VAL A 29 -11.44 13.92 8.06
C VAL A 29 -12.84 13.80 7.50
N SER A 30 -13.00 13.93 6.19
CA SER A 30 -14.32 13.87 5.58
C SER A 30 -14.87 12.46 5.50
N GLN A 31 -14.02 11.44 5.54
N GLN A 31 -14.03 11.43 5.56
CA GLN A 31 -14.43 10.05 5.35
CA GLN A 31 -14.45 10.05 5.34
C GLN A 31 -15.15 9.87 4.01
C GLN A 31 -15.17 9.90 4.01
N ALA A 32 -14.64 10.54 2.98
CA ALA A 32 -15.19 10.48 1.63
C ALA A 32 -14.16 9.76 0.77
N ILE A 33 -14.24 8.42 0.77
CA ILE A 33 -13.20 7.61 0.14
C ILE A 33 -13.16 7.83 -1.36
N HIS A 34 -14.29 8.17 -1.98
CA HIS A 34 -14.30 8.36 -3.42
C HIS A 34 -13.69 9.70 -3.82
N LYS A 35 -13.77 10.70 -2.94
CA LYS A 35 -13.00 11.93 -3.17
C LYS A 35 -11.50 11.65 -3.00
N TYR A 36 -11.15 10.87 -1.99
CA TYR A 36 -9.76 10.45 -1.79
C TYR A 36 -9.21 9.77 -3.04
N ASN A 37 -9.98 8.84 -3.61
CA ASN A 37 -9.55 8.17 -4.83
C ASN A 37 -9.53 9.13 -6.02
N ALA A 38 -10.48 10.07 -6.06
CA ALA A 38 -10.52 11.04 -7.15
C ALA A 38 -9.28 11.92 -7.15
N TYR A 39 -8.88 12.41 -5.97
CA TYR A 39 -7.67 13.21 -5.86
C TYR A 39 -6.44 12.38 -6.19
N ARG A 40 -6.41 11.11 -5.77
N ARG A 40 -6.42 11.11 -5.78
CA ARG A 40 -5.28 10.25 -6.06
CA ARG A 40 -5.27 10.26 -6.08
C ARG A 40 -5.17 9.95 -7.55
C ARG A 40 -5.17 9.96 -7.56
N LYS A 41 -6.31 9.74 -8.21
CA LYS A 41 -6.28 9.48 -9.64
C LYS A 41 -5.79 10.71 -10.40
N ALA A 42 -6.19 11.90 -9.96
CA ALA A 42 -5.73 13.13 -10.59
C ALA A 42 -4.24 13.33 -10.38
N ALA A 43 -3.76 13.11 -9.15
CA ALA A 43 -2.34 13.27 -8.87
C ALA A 43 -1.51 12.28 -9.68
N SER A 44 -2.01 11.06 -9.84
CA SER A 44 -1.27 10.03 -10.56
C SER A 44 -1.16 10.36 -12.05
N VAL A 45 -2.27 10.78 -12.66
CA VAL A 45 -2.24 11.09 -14.09
C VAL A 45 -1.41 12.35 -14.35
N ILE A 46 -1.41 13.30 -13.42
CA ILE A 46 -0.57 14.49 -13.59
C ILE A 46 0.89 14.11 -13.41
N ALA A 47 1.19 13.20 -12.49
CA ALA A 47 2.57 12.77 -12.26
C ALA A 47 3.16 12.11 -13.50
N LYS A 48 2.31 11.51 -14.33
CA LYS A 48 2.78 10.86 -15.53
C LYS A 48 2.86 11.80 -16.73
N TYR A 49 2.28 12.99 -16.58
CA TYR A 49 2.24 13.96 -17.68
C TYR A 49 3.64 14.45 -18.00
N PRO A 50 4.06 14.42 -19.27
CA PRO A 50 5.46 14.74 -19.61
C PRO A 50 5.78 16.23 -19.71
N HIS A 51 4.85 17.13 -19.42
CA HIS A 51 5.09 18.56 -19.51
C HIS A 51 4.83 19.22 -18.17
N LYS A 52 5.42 20.40 -17.98
CA LYS A 52 5.20 21.19 -16.77
C LYS A 52 3.88 21.93 -17.00
N ILE A 53 2.92 21.74 -16.12
CA ILE A 53 1.59 22.30 -16.31
C ILE A 53 1.63 23.81 -16.09
N LYS A 54 1.08 24.55 -17.06
CA LYS A 54 1.03 26.01 -16.98
C LYS A 54 -0.35 26.56 -16.64
N SER A 55 -1.40 25.74 -16.73
CA SER A 55 -2.76 26.22 -16.56
C SER A 55 -3.65 25.10 -16.05
N GLY A 56 -4.76 25.48 -15.42
CA GLY A 56 -5.78 24.50 -15.08
C GLY A 56 -6.44 23.90 -16.30
N ALA A 57 -6.57 24.68 -17.37
CA ALA A 57 -7.16 24.15 -18.60
C ALA A 57 -6.29 23.07 -19.21
N GLU A 58 -4.96 23.24 -19.15
CA GLU A 58 -4.06 22.22 -19.66
C GLU A 58 -4.22 20.92 -18.88
N ALA A 59 -4.27 21.01 -17.55
CA ALA A 59 -4.45 19.81 -16.73
C ALA A 59 -5.82 19.20 -16.92
N LYS A 60 -6.84 20.03 -17.18
CA LYS A 60 -8.20 19.52 -17.37
C LYS A 60 -8.31 18.56 -18.54
N LYS A 61 -7.40 18.66 -19.51
CA LYS A 61 -7.40 17.73 -20.64
C LYS A 61 -7.13 16.29 -20.20
N LEU A 62 -6.56 16.09 -19.02
CA LEU A 62 -6.18 14.76 -18.56
C LEU A 62 -7.37 14.05 -17.91
N PRO A 63 -7.51 12.75 -18.12
CA PRO A 63 -8.63 12.01 -17.51
C PRO A 63 -8.46 11.93 -16.00
N GLY A 64 -9.49 12.37 -15.28
CA GLY A 64 -9.45 12.45 -13.84
C GLY A 64 -9.27 13.84 -13.28
N VAL A 65 -8.87 14.79 -14.13
CA VAL A 65 -8.76 16.18 -13.74
C VAL A 65 -9.99 16.91 -14.28
N GLY A 66 -10.85 17.35 -13.37
CA GLY A 66 -12.09 18.01 -13.72
C GLY A 66 -12.08 19.49 -13.40
N THR A 67 -13.27 20.04 -13.24
CA THR A 67 -13.44 21.49 -13.10
C THR A 67 -12.80 22.00 -11.83
N LYS A 68 -13.09 21.35 -10.69
CA LYS A 68 -12.64 21.89 -9.41
C LYS A 68 -11.13 21.76 -9.25
N ILE A 69 -10.55 20.63 -9.69
CA ILE A 69 -9.11 20.46 -9.56
C ILE A 69 -8.37 21.40 -10.51
N ALA A 70 -8.90 21.59 -11.71
CA ALA A 70 -8.30 22.58 -12.62
C ALA A 70 -8.37 23.97 -12.01
N GLU A 71 -9.44 24.26 -11.27
N GLU A 71 -9.45 24.27 -11.28
CA GLU A 71 -9.57 25.56 -10.61
CA GLU A 71 -9.55 25.57 -10.62
C GLU A 71 -8.60 25.68 -9.45
C GLU A 71 -8.54 25.67 -9.48
N LYS A 72 -8.38 24.60 -8.71
CA LYS A 72 -7.39 24.62 -7.63
C LYS A 72 -5.97 24.75 -8.18
N ILE A 73 -5.72 24.18 -9.36
CA ILE A 73 -4.41 24.29 -9.98
C ILE A 73 -4.12 25.72 -10.40
N ASP A 74 -5.13 26.41 -10.93
CA ASP A 74 -4.95 27.80 -11.32
C ASP A 74 -4.62 28.68 -10.11
N GLU A 75 -5.26 28.42 -8.98
CA GLU A 75 -4.96 29.20 -7.78
C GLU A 75 -3.55 28.89 -7.28
N PHE A 76 -3.15 27.62 -7.29
CA PHE A 76 -1.81 27.27 -6.83
C PHE A 76 -0.74 27.83 -7.76
N LEU A 77 -1.01 27.85 -9.07
CA LEU A 77 -0.04 28.40 -10.00
C LEU A 77 0.08 29.91 -9.88
N ALA A 78 -0.99 30.58 -9.49
CA ALA A 78 -0.98 32.03 -9.38
C ALA A 78 -0.46 32.52 -8.04
N THR A 79 -0.81 31.84 -6.95
CA THR A 79 -0.46 32.29 -5.61
C THR A 79 0.54 31.41 -4.90
N GLY A 80 0.85 30.24 -5.42
CA GLY A 80 1.76 29.33 -4.75
C GLY A 80 1.19 28.62 -3.55
N LYS A 81 -0.11 28.76 -3.29
CA LYS A 81 -0.75 28.11 -2.16
C LYS A 81 -2.21 27.87 -2.50
N LEU A 82 -2.94 27.24 -1.57
CA LEU A 82 -4.36 26.97 -1.73
C LEU A 82 -5.07 27.37 -0.45
N ARG A 83 -6.03 28.30 -0.58
CA ARG A 83 -6.76 28.77 0.59
C ARG A 83 -7.52 27.63 1.27
N LYS A 84 -8.04 26.68 0.48
CA LYS A 84 -8.74 25.54 1.06
C LYS A 84 -7.82 24.71 1.95
N LEU A 85 -6.59 24.47 1.49
CA LEU A 85 -5.65 23.70 2.29
C LEU A 85 -5.17 24.49 3.50
N GLU A 86 -5.05 25.81 3.38
CA GLU A 86 -4.65 26.63 4.52
C GLU A 86 -5.72 26.67 5.59
N LYS A 87 -7.00 26.63 5.19
CA LYS A 87 -8.08 26.54 6.16
C LYS A 87 -8.07 25.19 6.85
N ILE A 88 -7.73 24.13 6.12
CA ILE A 88 -7.66 22.79 6.71
C ILE A 88 -6.52 22.71 7.72
N ARG A 89 -5.34 23.21 7.34
CA ARG A 89 -4.18 23.15 8.22
C ARG A 89 -4.42 23.92 9.52
N GLN A 90 -5.28 24.93 9.48
CA GLN A 90 -5.56 25.75 10.66
C GLN A 90 -6.68 25.19 11.52
N ASP A 91 -7.65 24.50 10.92
CA ASP A 91 -8.74 23.91 11.68
C ASP A 91 -8.18 22.93 12.70
N ASP A 92 -8.46 23.17 13.99
N ASP A 92 -8.45 23.18 13.98
CA ASP A 92 -7.89 22.34 15.04
CA ASP A 92 -7.92 22.35 15.06
C ASP A 92 -8.39 20.90 14.94
C ASP A 92 -8.39 20.91 14.92
N THR A 93 -9.68 20.71 14.68
CA THR A 93 -10.23 19.35 14.59
C THR A 93 -9.68 18.62 13.38
N SER A 94 -9.60 19.28 12.23
CA SER A 94 -9.10 18.63 11.02
C SER A 94 -7.66 18.18 11.18
N SER A 95 -6.79 19.09 11.65
CA SER A 95 -5.38 18.74 11.80
C SER A 95 -5.16 17.72 12.91
N SER A 96 -6.03 17.71 13.93
CA SER A 96 -5.90 16.72 14.99
C SER A 96 -6.26 15.33 14.49
N ILE A 97 -7.39 15.21 13.80
CA ILE A 97 -7.77 13.93 13.20
C ILE A 97 -6.70 13.49 12.20
N ASN A 98 -6.23 14.42 11.38
CA ASN A 98 -5.20 14.11 10.39
C ASN A 98 -3.95 13.56 11.06
N PHE A 99 -3.58 14.08 12.23
CA PHE A 99 -2.39 13.58 12.91
C PHE A 99 -2.65 12.20 13.50
N LEU A 100 -3.77 12.02 14.19
CA LEU A 100 -4.02 10.77 14.90
C LEU A 100 -4.04 9.57 13.95
N THR A 101 -4.48 9.77 12.71
CA THR A 101 -4.51 8.66 11.77
C THR A 101 -3.12 8.23 11.33
N ARG A 102 -2.10 9.05 11.57
CA ARG A 102 -0.73 8.61 11.30
C ARG A 102 -0.31 7.45 12.22
N VAL A 103 -1.06 7.20 13.28
CA VAL A 103 -0.83 6.03 14.13
C VAL A 103 -1.52 4.83 13.50
N SER A 104 -0.76 3.76 13.28
CA SER A 104 -1.34 2.55 12.73
C SER A 104 -2.31 1.94 13.73
N GLY A 105 -3.52 1.65 13.26
CA GLY A 105 -4.60 1.19 14.10
C GLY A 105 -5.62 2.26 14.43
N ILE A 106 -5.27 3.52 14.25
CA ILE A 106 -6.18 4.64 14.45
C ILE A 106 -6.61 5.11 13.07
N GLY A 107 -7.82 4.74 12.66
CA GLY A 107 -8.36 5.17 11.40
C GLY A 107 -9.21 6.41 11.56
N PRO A 108 -9.93 6.79 10.50
CA PRO A 108 -10.75 8.01 10.56
C PRO A 108 -11.80 7.97 11.67
N SER A 109 -12.35 6.80 11.97
CA SER A 109 -13.41 6.72 12.98
C SER A 109 -12.83 6.88 14.38
N ALA A 110 -11.75 6.17 14.69
CA ALA A 110 -11.14 6.28 16.02
C ALA A 110 -10.52 7.66 16.24
N ALA A 111 -9.95 8.24 15.18
CA ALA A 111 -9.36 9.58 15.32
C ALA A 111 -10.41 10.61 15.67
N ARG A 112 -11.55 10.57 14.98
CA ARG A 112 -12.65 11.48 15.29
C ARG A 112 -13.17 11.24 16.70
N LYS A 113 -13.25 9.96 17.11
CA LYS A 113 -13.76 9.66 18.45
C LYS A 113 -12.79 10.15 19.52
N PHE A 114 -11.49 9.95 19.33
CA PHE A 114 -10.50 10.44 20.29
C PHE A 114 -10.55 11.96 20.38
N VAL A 115 -10.58 12.63 19.23
CA VAL A 115 -10.50 14.09 19.22
C VAL A 115 -11.73 14.69 19.92
N ASP A 116 -12.88 14.05 19.76
CA ASP A 116 -14.08 14.54 20.46
C ASP A 116 -13.92 14.49 21.97
N GLU A 117 -13.10 13.57 22.48
CA GLU A 117 -12.85 13.45 23.91
C GLU A 117 -11.61 14.20 24.35
N GLY A 118 -11.11 15.14 23.55
CA GLY A 118 -9.91 15.88 23.90
C GLY A 118 -8.63 15.08 23.79
N ILE A 119 -8.65 13.93 23.14
CA ILE A 119 -7.45 13.14 22.90
C ILE A 119 -7.01 13.46 21.47
N LYS A 120 -5.97 14.29 21.33
CA LYS A 120 -5.61 14.81 20.02
C LYS A 120 -4.12 14.93 19.77
N THR A 121 -3.26 14.55 20.72
CA THR A 121 -1.81 14.64 20.55
C THR A 121 -1.19 13.29 20.88
N LEU A 122 0.12 13.20 20.64
CA LEU A 122 0.85 11.97 20.96
C LEU A 122 0.86 11.72 22.46
N GLU A 123 1.14 12.76 23.25
CA GLU A 123 1.16 12.61 24.69
C GLU A 123 -0.23 12.30 25.23
N ASP A 124 -1.28 12.75 24.54
CA ASP A 124 -2.63 12.37 24.94
C ASP A 124 -2.85 10.87 24.77
N LEU A 125 -2.29 10.29 23.71
CA LEU A 125 -2.40 8.85 23.50
C LEU A 125 -1.64 8.08 24.58
N ARG A 126 -0.42 8.52 24.90
CA ARG A 126 0.34 7.88 25.96
C ARG A 126 -0.40 7.96 27.30
N LYS A 127 -0.97 9.12 27.61
CA LYS A 127 -1.69 9.28 28.86
C LYS A 127 -2.96 8.44 28.90
N ASN A 128 -3.59 8.22 27.75
CA ASN A 128 -4.82 7.44 27.66
C ASN A 128 -4.56 6.09 26.97
N GLU A 129 -3.40 5.50 27.24
CA GLU A 129 -3.04 4.24 26.57
C GLU A 129 -4.01 3.12 26.94
N ASP A 130 -4.64 3.20 28.11
CA ASP A 130 -5.60 2.18 28.53
C ASP A 130 -6.75 2.03 27.55
N LYS A 131 -7.06 3.05 26.77
CA LYS A 131 -8.17 3.02 25.83
C LYS A 131 -7.76 2.54 24.44
N LEU A 132 -6.47 2.29 24.21
CA LEU A 132 -6.00 1.80 22.93
C LEU A 132 -6.04 0.28 22.90
N ASN A 133 -6.39 -0.28 21.74
CA ASN A 133 -6.29 -1.72 21.56
C ASN A 133 -4.85 -2.11 21.27
N HIS A 134 -4.61 -3.42 21.13
CA HIS A 134 -3.25 -3.91 20.98
C HIS A 134 -2.57 -3.31 19.75
N HIS A 135 -3.27 -3.31 18.61
CA HIS A 135 -2.71 -2.74 17.39
C HIS A 135 -2.33 -1.29 17.59
N GLN A 136 -3.23 -0.49 18.17
CA GLN A 136 -2.94 0.93 18.36
C GLN A 136 -1.78 1.14 19.32
N ARG A 137 -1.69 0.31 20.35
CA ARG A 137 -0.55 0.41 21.27
C ARG A 137 0.77 0.18 20.55
N ILE A 138 0.78 -0.77 19.61
CA ILE A 138 1.99 -1.02 18.83
C ILE A 138 2.28 0.15 17.90
N GLY A 139 1.25 0.64 17.21
CA GLY A 139 1.44 1.78 16.32
C GLY A 139 1.96 3.00 17.05
N LEU A 140 1.51 3.19 18.30
CA LEU A 140 2.03 4.28 19.10
C LEU A 140 3.47 4.02 19.52
N LYS A 141 3.79 2.76 19.87
CA LYS A 141 5.15 2.43 20.30
C LYS A 141 6.16 2.70 19.21
N TYR A 142 5.84 2.34 17.96
CA TYR A 142 6.74 2.50 16.84
C TYR A 142 6.33 3.64 15.92
N PHE A 143 5.76 4.70 16.49
CA PHE A 143 5.24 5.79 15.67
C PHE A 143 6.33 6.41 14.79
N GLY A 144 7.47 6.72 15.39
CA GLY A 144 8.56 7.30 14.61
C GLY A 144 9.16 6.32 13.63
N ASP A 145 9.44 5.09 14.09
CA ASP A 145 10.04 4.09 13.22
C ASP A 145 9.18 3.82 11.99
N PHE A 146 7.86 3.75 12.17
CA PHE A 146 6.96 3.40 11.08
C PHE A 146 6.89 4.48 10.02
N GLU A 147 7.27 5.72 10.34
CA GLU A 147 7.31 6.78 9.34
C GLU A 147 8.68 6.93 8.71
N LYS A 148 9.68 6.19 9.17
CA LYS A 148 10.98 6.15 8.51
C LYS A 148 10.91 5.28 7.27
N ARG A 149 11.59 5.71 6.22
CA ARG A 149 11.71 4.86 5.04
C ARG A 149 12.77 3.79 5.26
N ILE A 150 12.65 2.69 4.53
CA ILE A 150 13.60 1.60 4.57
C ILE A 150 14.47 1.70 3.32
N PRO A 151 15.75 2.06 3.44
CA PRO A 151 16.62 2.09 2.25
C PRO A 151 16.72 0.70 1.64
N ARG A 152 16.81 0.67 0.30
CA ARG A 152 16.82 -0.61 -0.41
C ARG A 152 17.93 -1.53 0.10
N GLU A 153 19.05 -0.96 0.54
CA GLU A 153 20.12 -1.77 1.12
C GLU A 153 19.61 -2.60 2.29
N GLU A 154 18.83 -1.97 3.18
CA GLU A 154 18.28 -2.71 4.32
C GLU A 154 17.21 -3.70 3.87
N MET A 155 16.49 -3.39 2.79
CA MET A 155 15.50 -4.32 2.26
C MET A 155 16.17 -5.60 1.76
N LEU A 156 17.38 -5.48 1.20
CA LEU A 156 18.11 -6.67 0.77
C LEU A 156 18.51 -7.54 1.95
N GLN A 157 18.94 -6.91 3.06
CA GLN A 157 19.27 -7.68 4.26
C GLN A 157 18.04 -8.37 4.82
N MET A 158 16.90 -7.68 4.84
CA MET A 158 15.66 -8.29 5.30
C MET A 158 15.22 -9.42 4.38
N GLN A 159 15.36 -9.21 3.06
CA GLN A 159 15.03 -10.27 2.11
C GLN A 159 15.89 -11.51 2.33
N ASP A 160 17.15 -11.31 2.73
N ASP A 160 17.16 -11.30 2.71
CA ASP A 160 18.01 -12.45 2.99
CA ASP A 160 18.02 -12.44 3.00
C ASP A 160 17.55 -13.23 4.21
C ASP A 160 17.51 -13.23 4.19
N ILE A 161 17.15 -12.53 5.27
CA ILE A 161 16.67 -13.20 6.48
C ILE A 161 15.37 -13.95 6.19
N VAL A 162 14.43 -13.29 5.50
CA VAL A 162 13.13 -13.90 5.24
C VAL A 162 13.28 -15.15 4.39
N LEU A 163 13.96 -15.03 3.25
CA LEU A 163 14.08 -16.16 2.34
C LEU A 163 14.88 -17.31 2.94
N ASN A 164 15.86 -17.01 3.80
CA ASN A 164 16.68 -18.04 4.40
C ASN A 164 15.93 -18.78 5.51
N GLU A 165 15.28 -18.03 6.41
CA GLU A 165 14.51 -18.65 7.47
C GLU A 165 13.36 -19.48 6.90
N VAL A 166 12.75 -18.99 5.82
CA VAL A 166 11.68 -19.73 5.16
C VAL A 166 12.18 -21.07 4.63
N LYS A 167 13.37 -21.06 4.02
CA LYS A 167 13.98 -22.31 3.58
C LYS A 167 14.25 -23.25 4.75
N LYS A 168 14.59 -22.70 5.92
CA LYS A 168 14.86 -23.53 7.08
C LYS A 168 13.63 -24.31 7.53
N VAL A 169 12.44 -23.73 7.37
CA VAL A 169 11.21 -24.45 7.69
C VAL A 169 11.00 -25.60 6.72
N ASP A 170 10.98 -25.30 5.43
CA ASP A 170 10.81 -26.33 4.42
C ASP A 170 11.42 -25.85 3.11
N SER A 171 12.13 -26.76 2.43
CA SER A 171 12.86 -26.41 1.22
C SER A 171 11.95 -25.92 0.10
N GLU A 172 10.66 -26.27 0.13
CA GLU A 172 9.79 -26.05 -1.01
C GLU A 172 8.92 -24.79 -0.90
N TYR A 173 8.95 -24.10 0.24
CA TYR A 173 8.37 -22.77 0.30
C TYR A 173 9.04 -21.87 -0.73
N ILE A 174 8.25 -20.95 -1.30
CA ILE A 174 8.78 -19.90 -2.16
C ILE A 174 8.28 -18.57 -1.62
N ALA A 175 9.22 -17.69 -1.25
CA ALA A 175 8.91 -16.38 -0.70
C ALA A 175 9.44 -15.32 -1.66
N THR A 176 8.55 -14.44 -2.11
CA THR A 176 8.88 -13.39 -3.06
C THR A 176 8.54 -12.04 -2.45
N VAL A 177 9.53 -11.17 -2.30
CA VAL A 177 9.29 -9.81 -1.82
C VAL A 177 8.69 -9.00 -2.96
N CYS A 178 7.49 -8.50 -2.74
CA CYS A 178 6.80 -7.72 -3.74
C CYS A 178 6.73 -6.25 -3.33
N GLY A 179 5.62 -5.58 -3.63
CA GLY A 179 5.46 -4.19 -3.26
C GLY A 179 6.43 -3.28 -3.98
N SER A 180 6.73 -2.15 -3.34
CA SER A 180 7.62 -1.16 -3.93
C SER A 180 9.03 -1.72 -4.15
N PHE A 181 9.44 -2.70 -3.33
CA PHE A 181 10.76 -3.28 -3.50
C PHE A 181 10.89 -3.94 -4.86
N ARG A 182 9.91 -4.77 -5.25
CA ARG A 182 9.98 -5.42 -6.54
C ARG A 182 9.88 -4.43 -7.68
N ARG A 183 9.24 -3.27 -7.46
CA ARG A 183 9.19 -2.20 -8.44
C ARG A 183 10.50 -1.43 -8.52
N GLY A 184 11.55 -1.89 -7.84
CA GLY A 184 12.86 -1.26 -7.95
C GLY A 184 13.04 -0.01 -7.13
N ALA A 185 12.21 0.22 -6.13
CA ALA A 185 12.28 1.47 -5.37
C ALA A 185 13.58 1.54 -4.58
N GLU A 186 14.18 2.74 -4.56
CA GLU A 186 15.39 2.96 -3.77
C GLU A 186 15.09 2.92 -2.28
N SER A 187 13.85 3.20 -1.91
CA SER A 187 13.43 3.14 -0.52
C SER A 187 12.02 2.56 -0.48
N SER A 188 11.67 1.93 0.62
CA SER A 188 10.38 1.28 0.77
C SER A 188 9.73 1.71 2.07
N GLY A 189 8.40 1.70 2.07
CA GLY A 189 7.66 1.99 3.28
C GLY A 189 7.53 0.80 4.21
N ASP A 190 7.55 -0.40 3.66
CA ASP A 190 7.47 -1.62 4.44
C ASP A 190 8.03 -2.77 3.60
N MET A 191 7.91 -3.99 4.12
CA MET A 191 8.29 -5.20 3.39
C MET A 191 7.04 -6.03 3.16
N ASP A 192 6.77 -6.35 1.90
CA ASP A 192 5.62 -7.15 1.50
C ASP A 192 6.14 -8.48 0.93
N VAL A 193 5.69 -9.58 1.52
CA VAL A 193 6.21 -10.91 1.20
C VAL A 193 5.07 -11.79 0.72
N LEU A 194 5.24 -12.40 -0.45
CA LEU A 194 4.32 -13.39 -0.98
C LEU A 194 4.88 -14.78 -0.71
N LEU A 195 4.02 -15.68 -0.22
CA LEU A 195 4.43 -17.01 0.19
C LEU A 195 3.59 -18.06 -0.51
N THR A 196 4.25 -19.10 -1.02
CA THR A 196 3.58 -20.26 -1.61
C THR A 196 4.24 -21.53 -1.11
N HIS A 197 3.52 -22.64 -1.26
CA HIS A 197 4.02 -23.97 -0.90
C HIS A 197 3.29 -24.96 -1.78
N PRO A 198 3.97 -26.02 -2.25
CA PRO A 198 3.31 -26.97 -3.16
C PRO A 198 2.05 -27.60 -2.59
N SER A 199 1.91 -27.65 -1.26
CA SER A 199 0.78 -28.30 -0.63
C SER A 199 -0.47 -27.44 -0.60
N PHE A 200 -0.39 -26.17 -1.01
CA PHE A 200 -1.52 -25.25 -0.97
C PHE A 200 -1.80 -24.76 -2.38
N THR A 201 -2.88 -25.28 -2.98
CA THR A 201 -3.36 -24.83 -4.28
C THR A 201 -4.82 -24.44 -4.14
N SER A 202 -5.40 -23.96 -5.24
CA SER A 202 -6.82 -23.62 -5.23
C SER A 202 -7.70 -24.85 -5.08
N GLU A 203 -7.17 -26.03 -5.37
CA GLU A 203 -7.95 -27.27 -5.35
C GLU A 203 -7.61 -28.16 -4.16
N SER A 204 -6.79 -27.69 -3.22
CA SER A 204 -6.32 -28.50 -2.12
C SER A 204 -7.08 -28.19 -0.84
N THR A 205 -7.06 -29.14 0.09
CA THR A 205 -7.69 -28.96 1.39
C THR A 205 -6.81 -28.10 2.28
N LYS A 206 -7.44 -27.28 3.12
CA LYS A 206 -6.75 -26.30 3.95
C LYS A 206 -5.64 -26.94 4.79
N GLN A 207 -4.40 -26.69 4.42
CA GLN A 207 -3.25 -27.10 5.22
C GLN A 207 -2.94 -26.00 6.23
N PRO A 208 -3.35 -26.14 7.48
CA PRO A 208 -3.06 -25.11 8.47
C PRO A 208 -1.59 -25.12 8.86
N LYS A 209 -1.21 -24.12 9.64
CA LYS A 209 0.16 -23.94 10.12
C LYS A 209 1.14 -23.70 8.98
N LEU A 210 0.66 -23.63 7.74
CA LEU A 210 1.55 -23.34 6.61
C LEU A 210 2.19 -21.97 6.77
N LEU A 211 1.37 -20.95 7.05
CA LEU A 211 1.91 -19.63 7.34
C LEU A 211 2.41 -19.52 8.78
N HIS A 212 1.77 -20.24 9.71
CA HIS A 212 2.16 -20.19 11.11
C HIS A 212 3.60 -20.68 11.30
N GLN A 213 3.98 -21.73 10.56
CA GLN A 213 5.35 -22.24 10.66
C GLN A 213 6.37 -21.17 10.31
N VAL A 214 6.11 -20.42 9.24
CA VAL A 214 7.06 -19.39 8.81
C VAL A 214 7.10 -18.24 9.80
N VAL A 215 5.93 -17.77 10.24
CA VAL A 215 5.88 -16.69 11.22
C VAL A 215 6.59 -17.10 12.51
N GLU A 216 6.37 -18.34 12.95
CA GLU A 216 7.03 -18.83 14.15
C GLU A 216 8.54 -18.82 14.01
N GLN A 217 9.05 -19.22 12.84
CA GLN A 217 10.49 -19.25 12.64
C GLN A 217 11.10 -17.85 12.64
N LEU A 218 10.43 -16.90 12.00
CA LEU A 218 10.92 -15.52 12.01
C LEU A 218 10.88 -14.93 13.41
N GLN A 219 9.93 -15.38 14.24
CA GLN A 219 9.90 -14.95 15.63
C GLN A 219 11.02 -15.59 16.44
N LYS A 220 11.39 -16.84 16.10
CA LYS A 220 12.35 -17.58 16.91
C LYS A 220 13.76 -17.03 16.75
N VAL A 221 14.11 -16.52 15.57
CA VAL A 221 15.38 -15.83 15.36
C VAL A 221 15.24 -14.33 15.62
N HIS A 222 14.16 -13.91 16.28
CA HIS A 222 13.95 -12.52 16.69
C HIS A 222 13.96 -11.55 15.51
N PHE A 223 13.48 -11.99 14.36
CA PHE A 223 13.27 -11.06 13.26
C PHE A 223 11.92 -10.38 13.35
N ILE A 224 10.85 -11.15 13.46
CA ILE A 224 9.52 -10.61 13.74
C ILE A 224 9.42 -10.33 15.23
N THR A 225 9.11 -9.08 15.58
CA THR A 225 9.08 -8.66 16.97
C THR A 225 7.69 -8.48 17.53
N ASP A 226 6.69 -8.14 16.72
CA ASP A 226 5.34 -7.96 17.20
C ASP A 226 4.36 -8.38 16.11
N THR A 227 3.14 -8.70 16.53
CA THR A 227 2.06 -9.12 15.65
C THR A 227 0.91 -8.13 15.73
N LEU A 228 0.46 -7.66 14.56
CA LEU A 228 -0.74 -6.82 14.48
C LEU A 228 -1.98 -7.63 14.15
N SER A 229 -1.89 -8.51 13.16
CA SER A 229 -2.94 -9.45 12.83
C SER A 229 -2.29 -10.71 12.29
N LYS A 230 -2.91 -11.85 12.57
CA LYS A 230 -2.34 -13.13 12.17
C LYS A 230 -3.46 -14.13 11.95
N GLY A 231 -3.56 -14.64 10.72
CA GLY A 231 -4.48 -15.71 10.40
C GLY A 231 -3.81 -16.77 9.55
N GLU A 232 -4.60 -17.56 8.83
CA GLU A 232 -4.03 -18.67 8.07
C GLU A 232 -3.45 -18.26 6.72
N THR A 233 -3.78 -17.06 6.23
CA THR A 233 -3.24 -16.61 4.95
C THR A 233 -2.62 -15.22 4.99
N LYS A 234 -2.84 -14.43 6.04
CA LYS A 234 -2.33 -13.07 6.10
C LYS A 234 -1.67 -12.83 7.45
N PHE A 235 -0.43 -12.34 7.41
CA PHE A 235 0.26 -11.88 8.61
C PHE A 235 0.62 -10.42 8.45
N MET A 236 0.31 -9.62 9.48
N MET A 236 0.27 -9.61 9.46
CA MET A 236 0.70 -8.21 9.55
CA MET A 236 0.71 -8.23 9.55
C MET A 236 1.42 -8.01 10.87
C MET A 236 1.44 -8.06 10.87
N GLY A 237 2.67 -7.58 10.81
CA GLY A 237 3.46 -7.44 12.00
C GLY A 237 4.62 -6.49 11.87
N VAL A 238 5.57 -6.65 12.80
CA VAL A 238 6.72 -5.77 12.94
C VAL A 238 7.99 -6.62 12.88
N CYS A 239 8.98 -6.12 12.15
CA CYS A 239 10.26 -6.82 12.04
C CYS A 239 11.40 -5.85 12.35
N GLN A 240 12.61 -6.38 12.44
CA GLN A 240 13.78 -5.59 12.82
C GLN A 240 15.03 -6.37 12.47
N LEU A 241 15.91 -5.74 11.68
CA LEU A 241 17.21 -6.33 11.41
C LEU A 241 18.02 -6.45 12.71
N PRO A 242 18.89 -7.44 12.81
CA PRO A 242 19.75 -7.54 14.00
C PRO A 242 20.87 -6.52 13.95
N SER A 243 21.27 -6.06 15.14
CA SER A 243 22.31 -5.06 15.29
C SER A 243 23.55 -5.69 15.90
N LYS A 244 24.70 -5.05 15.66
CA LYS A 244 26.00 -5.61 15.98
C LYS A 244 26.62 -4.88 17.17
N ASN A 245 27.04 -5.66 18.17
CA ASN A 245 27.91 -5.22 19.27
C ASN A 245 27.51 -3.84 19.81
N ASP A 246 26.26 -3.76 20.28
CA ASP A 246 25.72 -2.56 20.93
C ASP A 246 25.85 -1.31 20.06
N GLU A 247 25.90 -1.49 18.74
CA GLU A 247 25.81 -0.35 17.84
C GLU A 247 24.35 0.09 17.73
N LYS A 248 24.11 1.12 16.93
CA LYS A 248 22.77 1.67 16.77
C LYS A 248 21.78 0.61 16.29
N GLU A 249 20.83 0.25 17.15
CA GLU A 249 19.81 -0.71 16.77
C GLU A 249 18.96 -0.17 15.64
N TYR A 250 18.56 -1.05 14.73
CA TYR A 250 17.81 -0.65 13.56
C TYR A 250 16.40 -0.20 13.94
N PRO A 251 15.76 0.61 13.10
CA PRO A 251 14.35 0.95 13.35
C PRO A 251 13.46 -0.25 13.08
N HIS A 252 12.41 -0.38 13.88
CA HIS A 252 11.43 -1.43 13.66
C HIS A 252 10.62 -1.14 12.40
N ARG A 253 10.29 -2.19 11.65
CA ARG A 253 9.69 -2.04 10.34
C ARG A 253 8.41 -2.86 10.25
N ARG A 254 7.48 -2.37 9.42
CA ARG A 254 6.25 -3.10 9.14
C ARG A 254 6.51 -4.17 8.09
N ILE A 255 5.94 -5.36 8.30
CA ILE A 255 6.05 -6.45 7.36
C ILE A 255 4.67 -7.07 7.16
N ASP A 256 4.35 -7.37 5.89
CA ASP A 256 3.14 -8.06 5.52
C ASP A 256 3.51 -9.34 4.78
N ILE A 257 2.86 -10.44 5.16
CA ILE A 257 3.05 -11.73 4.49
C ILE A 257 1.70 -12.23 4.02
N ARG A 258 1.65 -12.67 2.77
CA ARG A 258 0.43 -13.21 2.21
C ARG A 258 0.70 -14.59 1.63
N LEU A 259 -0.05 -15.58 2.13
CA LEU A 259 0.04 -16.95 1.63
C LEU A 259 -1.05 -17.15 0.59
N ILE A 260 -0.65 -17.49 -0.63
CA ILE A 260 -1.59 -17.64 -1.74
C ILE A 260 -1.43 -19.02 -2.35
N PRO A 261 -2.47 -19.57 -3.00
CA PRO A 261 -2.33 -20.85 -3.69
C PRO A 261 -1.22 -20.79 -4.74
N LYS A 262 -0.46 -21.88 -4.84
CA LYS A 262 0.70 -21.88 -5.74
C LYS A 262 0.29 -21.74 -7.19
N ASP A 263 -0.86 -22.29 -7.58
CA ASP A 263 -1.31 -22.20 -8.96
C ASP A 263 -1.91 -20.84 -9.31
N GLN A 264 -1.95 -19.91 -8.36
CA GLN A 264 -2.37 -18.54 -8.61
C GLN A 264 -1.23 -17.57 -8.29
N TYR A 265 0.00 -18.03 -8.45
CA TYR A 265 1.17 -17.25 -8.05
C TYR A 265 1.29 -15.97 -8.88
N TYR A 266 1.22 -16.10 -10.21
CA TYR A 266 1.55 -14.96 -11.07
C TYR A 266 0.50 -13.87 -10.98
N CYS A 267 -0.77 -14.24 -10.83
CA CYS A 267 -1.80 -13.24 -10.53
C CYS A 267 -1.53 -12.59 -9.18
N GLY A 268 -1.05 -13.39 -8.21
CA GLY A 268 -0.70 -12.84 -6.91
C GLY A 268 0.49 -11.92 -6.97
N VAL A 269 1.53 -12.31 -7.72
CA VAL A 269 2.70 -11.44 -7.86
C VAL A 269 2.32 -10.14 -8.55
N LEU A 270 1.50 -10.22 -9.59
CA LEU A 270 1.09 -9.01 -10.30
C LEU A 270 0.37 -8.06 -9.35
N TYR A 271 -0.57 -8.58 -8.56
CA TYR A 271 -1.32 -7.71 -7.64
C TYR A 271 -0.42 -7.19 -6.53
N PHE A 272 0.34 -8.08 -5.90
CA PHE A 272 1.15 -7.71 -4.74
C PHE A 272 2.31 -6.80 -5.08
N THR A 273 2.67 -6.78 -6.35
CA THR A 273 3.76 -5.91 -6.79
C THR A 273 3.28 -4.47 -6.95
N GLY A 274 2.05 -4.27 -7.40
CA GLY A 274 1.49 -2.94 -7.50
C GLY A 274 1.94 -2.21 -8.77
N SER A 275 1.75 -0.89 -8.79
CA SER A 275 1.21 -0.13 -7.68
CA SER A 275 1.21 -0.15 -7.65
C SER A 275 -0.30 -0.33 -7.53
N ASP A 276 -0.86 0.19 -6.43
CA ASP A 276 -2.30 0.16 -6.21
C ASP A 276 -3.03 0.85 -7.36
N ILE A 277 -2.55 2.03 -7.74
CA ILE A 277 -3.16 2.76 -8.86
C ILE A 277 -2.95 2.00 -10.16
N PHE A 278 -1.75 1.46 -10.36
CA PHE A 278 -1.51 0.65 -11.55
C PHE A 278 -2.47 -0.53 -11.61
N ASN A 279 -2.72 -1.18 -10.48
CA ASN A 279 -3.69 -2.26 -10.43
C ASN A 279 -5.08 -1.75 -10.82
N LYS A 280 -5.49 -0.61 -10.26
CA LYS A 280 -6.76 -0.01 -10.63
C LYS A 280 -6.81 0.27 -12.13
N ASN A 281 -5.71 0.80 -12.68
CA ASN A 281 -5.65 1.08 -14.12
C ASN A 281 -5.71 -0.21 -14.93
N MET A 282 -4.90 -1.20 -14.54
CA MET A 282 -4.85 -2.44 -15.31
C MET A 282 -6.18 -3.19 -15.26
N ARG A 283 -6.80 -3.25 -14.09
CA ARG A 283 -8.09 -3.93 -13.98
C ARG A 283 -9.18 -3.19 -14.72
N ALA A 284 -9.08 -1.86 -14.81
CA ALA A 284 -10.04 -1.09 -15.60
C ALA A 284 -9.90 -1.40 -17.09
N HIS A 285 -8.66 -1.48 -17.58
CA HIS A 285 -8.45 -1.87 -18.98
C HIS A 285 -8.93 -3.29 -19.23
N ALA A 286 -8.77 -4.17 -18.24
CA ALA A 286 -9.17 -5.57 -18.42
C ALA A 286 -10.66 -5.68 -18.70
N LEU A 287 -11.48 -4.87 -18.03
CA LEU A 287 -12.93 -4.91 -18.25
C LEU A 287 -13.29 -4.37 -19.63
N GLU A 288 -12.56 -3.36 -20.12
CA GLU A 288 -12.76 -2.90 -21.48
C GLU A 288 -12.39 -3.93 -22.54
N LYS A 289 -11.72 -5.02 -22.14
CA LYS A 289 -11.25 -6.03 -23.07
C LYS A 289 -11.94 -7.38 -22.88
N GLY A 290 -12.96 -7.44 -22.02
CA GLY A 290 -13.70 -8.68 -21.81
C GLY A 290 -13.15 -9.58 -20.75
N PHE A 291 -12.31 -9.07 -19.85
CA PHE A 291 -11.74 -9.86 -18.77
C PHE A 291 -11.96 -9.16 -17.44
N THR A 292 -11.81 -9.92 -16.36
CA THR A 292 -11.86 -9.37 -15.01
C THR A 292 -10.69 -9.94 -14.21
N ILE A 293 -9.89 -9.05 -13.63
CA ILE A 293 -8.70 -9.43 -12.89
C ILE A 293 -8.91 -9.10 -11.43
N ASN A 294 -8.59 -10.04 -10.54
CA ASN A 294 -8.51 -9.76 -9.12
C ASN A 294 -7.15 -10.26 -8.63
N GLU A 295 -7.03 -10.43 -7.31
CA GLU A 295 -5.75 -10.82 -6.72
CA GLU A 295 -5.74 -10.81 -6.74
C GLU A 295 -5.34 -12.23 -7.10
N TYR A 296 -6.29 -13.07 -7.52
CA TYR A 296 -6.04 -14.50 -7.68
CA TYR A 296 -6.04 -14.50 -7.68
C TYR A 296 -6.16 -15.01 -9.11
N THR A 297 -7.05 -14.43 -9.92
CA THR A 297 -7.32 -14.97 -11.24
C THR A 297 -7.53 -13.85 -12.25
N ILE A 298 -7.50 -14.23 -13.52
CA ILE A 298 -8.07 -13.45 -14.61
C ILE A 298 -9.11 -14.33 -15.31
N ARG A 299 -10.33 -13.82 -15.43
CA ARG A 299 -11.43 -14.61 -15.96
C ARG A 299 -12.06 -13.91 -17.15
N PRO A 300 -12.62 -14.67 -18.09
CA PRO A 300 -13.32 -14.03 -19.22
C PRO A 300 -14.68 -13.48 -18.79
N LEU A 301 -15.20 -12.60 -19.63
CA LEU A 301 -16.52 -12.01 -19.43
C LEU A 301 -17.41 -12.40 -20.60
N GLY A 302 -18.59 -12.93 -20.28
CA GLY A 302 -19.50 -13.43 -21.29
C GLY A 302 -20.32 -12.33 -21.92
N VAL A 303 -21.29 -12.74 -22.73
CA VAL A 303 -22.19 -11.79 -23.38
C VAL A 303 -23.03 -11.06 -22.34
N THR A 304 -23.49 -11.76 -21.31
CA THR A 304 -24.24 -11.13 -20.23
C THR A 304 -23.34 -10.42 -19.23
N GLY A 305 -22.02 -10.51 -19.39
CA GLY A 305 -21.12 -9.93 -18.42
C GLY A 305 -20.82 -10.81 -17.24
N VAL A 306 -20.97 -12.13 -17.37
CA VAL A 306 -20.68 -13.07 -16.29
C VAL A 306 -19.23 -13.50 -16.40
N ALA A 307 -18.63 -13.87 -15.27
CA ALA A 307 -17.24 -14.25 -15.20
C ALA A 307 -17.09 -15.75 -15.44
N GLY A 308 -16.22 -16.12 -16.37
CA GLY A 308 -15.96 -17.51 -16.68
C GLY A 308 -14.97 -18.14 -15.72
N GLU A 309 -14.34 -19.21 -16.19
CA GLU A 309 -13.35 -19.93 -15.39
C GLU A 309 -12.02 -19.19 -15.40
N PRO A 310 -11.19 -19.38 -14.37
CA PRO A 310 -9.85 -18.80 -14.38
C PRO A 310 -9.07 -19.26 -15.60
N LEU A 311 -8.42 -18.30 -16.27
CA LEU A 311 -7.62 -18.62 -17.44
C LEU A 311 -6.23 -19.07 -17.02
N PRO A 312 -5.57 -19.90 -17.84
CA PRO A 312 -4.22 -20.35 -17.52
C PRO A 312 -3.23 -19.20 -17.54
N VAL A 313 -2.40 -19.11 -16.50
CA VAL A 313 -1.40 -18.06 -16.36
C VAL A 313 -0.11 -18.68 -15.86
N ASP A 314 0.98 -18.52 -16.62
CA ASP A 314 2.28 -19.03 -16.22
C ASP A 314 3.35 -17.96 -16.21
N SER A 315 2.97 -16.68 -16.27
CA SER A 315 3.89 -15.56 -16.21
C SER A 315 3.09 -14.30 -15.99
N GLU A 316 3.76 -13.24 -15.54
CA GLU A 316 3.11 -11.94 -15.48
C GLU A 316 2.70 -11.47 -16.86
N LYS A 317 3.54 -11.76 -17.87
CA LYS A 317 3.25 -11.33 -19.22
C LYS A 317 2.00 -12.00 -19.80
N ASP A 318 1.66 -13.18 -19.29
CA ASP A 318 0.43 -13.84 -19.74
C ASP A 318 -0.80 -12.98 -19.45
N ILE A 319 -0.82 -12.32 -18.30
CA ILE A 319 -1.93 -11.47 -17.95
C ILE A 319 -1.94 -10.23 -18.84
N PHE A 320 -0.76 -9.64 -19.09
CA PHE A 320 -0.69 -8.51 -20.02
C PHE A 320 -1.13 -8.91 -21.42
N ASP A 321 -0.80 -10.13 -21.84
CA ASP A 321 -1.15 -10.59 -23.18
C ASP A 321 -2.66 -10.69 -23.35
N TYR A 322 -3.35 -11.24 -22.35
CA TYR A 322 -4.79 -11.43 -22.44
C TYR A 322 -5.51 -10.11 -22.73
N ILE A 323 -5.15 -9.06 -22.02
CA ILE A 323 -5.85 -7.78 -22.12
C ILE A 323 -5.20 -6.91 -23.19
N GLN A 324 -4.25 -7.49 -23.94
CA GLN A 324 -3.60 -6.83 -25.07
C GLN A 324 -2.88 -5.54 -24.64
N TRP A 325 -2.13 -5.66 -23.55
CA TRP A 325 -1.24 -4.59 -23.08
C TRP A 325 0.20 -4.98 -23.34
N LYS A 326 1.02 -3.99 -23.68
CA LYS A 326 2.45 -4.22 -23.75
C LYS A 326 2.96 -4.47 -22.33
N TYR A 327 3.86 -5.45 -22.20
CA TYR A 327 4.33 -5.82 -20.88
C TYR A 327 5.06 -4.66 -20.22
N ARG A 328 4.78 -4.45 -18.94
CA ARG A 328 5.42 -3.41 -18.15
C ARG A 328 6.31 -4.08 -17.12
N GLU A 329 7.60 -3.77 -17.16
CA GLU A 329 8.47 -4.20 -16.08
C GLU A 329 7.95 -3.61 -14.77
N PRO A 330 8.15 -4.34 -13.66
CA PRO A 330 7.78 -3.88 -12.32
C PRO A 330 8.33 -2.48 -12.03
N LYS A 331 9.42 -2.10 -12.69
CA LYS A 331 9.97 -0.76 -12.48
C LYS A 331 9.03 0.34 -13.02
N ASP A 332 8.23 -0.02 -14.02
CA ASP A 332 7.36 0.94 -14.69
C ASP A 332 5.89 0.85 -14.26
N ARG A 333 5.63 0.26 -13.10
CA ARG A 333 4.29 0.13 -12.55
C ARG A 333 4.07 1.00 -11.33
N SER A 334 4.99 1.92 -11.03
CA SER A 334 4.87 2.79 -9.86
C SER A 334 4.02 4.01 -10.25
N GLU A 335 2.71 3.81 -10.23
CA GLU A 335 1.78 4.85 -10.60
C GLU A 335 0.97 5.33 -9.40
C5 8NI D 6 -10.11 -2.73 -2.91
C5 8NI D 6 -10.45 -2.64 -3.13
C4 8NI D 6 -10.72 -1.50 -2.90
C4 8NI D 6 -11.16 -1.55 -2.73
N2 8NI D 6 -8.75 0.25 -0.38
N2 8NI D 6 -8.68 0.27 -0.78
N7 8NI D 6 -10.52 -3.83 -3.76
N7 8NI D 6 -11.07 -3.66 -3.95
C8 8NI D 6 -9.68 -4.30 -4.85
C8 8NI D 6 -10.51 -4.05 -5.23
C1' 8NI D 6 -12.47 -2.02 -4.67
C1' 8NI D 6 -12.99 -0.98 -4.40
C2 8NI D 6 -9.23 -0.79 -1.27
C2 8NI D 6 -9.31 -0.75 -1.60
C2' 8NI D 6 -13.97 -1.86 -4.65
C2' 8NI D 6 -14.30 -1.71 -4.68
C3' 8NI D 6 -14.31 -2.14 -6.06
C3' 8NI D 6 -14.20 -2.19 -6.09
C4' 8NI D 6 -13.13 -1.75 -6.88
C4' 8NI D 6 -12.77 -1.98 -6.50
C5' 8NI D 6 -13.34 -0.40 -7.51
C5' 8NI D 6 -12.70 -1.11 -7.74
C6 8NI D 6 -9.06 -2.95 -2.07
C6 8NI D 6 -9.15 -2.75 -2.75
N1 8NI D 6 -8.63 -1.99 -1.27
N1 8NI D 6 -8.60 -1.82 -2.00
N3 8NI D 6 -10.28 -0.56 -2.09
N3 8NI D 6 -10.60 -0.63 -1.97
N9 8NI D 6 -11.85 -1.14 -3.74
N9 8NI D 6 -12.55 -1.41 -3.11
O3' 8NI D 6 -14.46 -3.55 -6.22
O3' 8NI D 6 -14.43 -3.60 -6.22
O4' 8NI D 6 -12.01 -1.72 -6.00
O4' 8NI D 6 -12.07 -1.36 -5.44
O5' 8NI D 6 -13.56 0.56 -6.51
O5' 8NI D 6 -13.36 0.10 -7.51
O6 8NI D 6 -8.53 -4.00 -2.07
O6 8NI D 6 -8.50 -3.69 -3.07
O8 8NI D 6 -10.03 -5.21 -5.52
O8 8NI D 6 -11.03 -4.89 -5.89
OP1 8NI D 6 -13.51 3.09 -5.54
OP1 8NI D 6 -11.69 1.73 -8.92
OP2 8NI D 6 -11.61 2.28 -7.28
OP2 8NI D 6 -13.91 0.69 -10.09
P 8NI D 6 -13.20 2.13 -6.85
P 8NI D 6 -13.26 1.25 -8.69
NA NA E . -3.96 5.04 11.08
NA NA F . -16.78 9.75 -1.19
MN MN G . 2.39 -3.62 2.87
MN MN H . 4.86 -2.07 0.70
NA NA I . -10.33 15.84 -17.56
PA F2A J . 1.61 -1.36 0.24
O1A F2A J . 2.80 -2.25 0.88
O2A F2A J . 0.77 -0.84 1.33
C3A F2A J . 2.28 0.07 -0.67
O5' F2A J . 0.80 -2.23 -0.74
PB F2A J . 3.74 -0.34 -1.70
O1B F2A J . 3.36 -0.36 -3.13
O2B F2A J . 4.36 -1.76 -1.26
O3B F2A J . 4.85 0.78 -1.43
PG F2A J . 5.48 1.33 -0.05
O1G F2A J . 4.80 2.58 0.35
O2G F2A J . 7.06 1.59 -0.24
O3G F2A J . 5.25 0.22 1.10
C5' F2A J . 1.65 -3.30 -1.15
C4' F2A J . 0.99 -3.95 -2.36
O4' F2A J . -0.39 -4.26 -2.03
C1' F2A J . -1.27 -3.78 -3.07
N9 F2A J . -2.09 -2.68 -2.56
C4 F2A J . -3.40 -2.81 -2.15
N3 F2A J . -4.25 -3.82 -2.08
C2 F2A J . -5.47 -3.63 -1.64
N1 F2A J . -5.89 -2.44 -1.24
C6 F2A J . -5.13 -1.38 -1.28
N6 F2A J . -5.59 -0.13 -0.86
C5 F2A J . -3.81 -1.52 -1.75
N7 F2A J . -2.75 -0.69 -1.92
C8 F2A J . -1.75 -1.37 -2.39
C2' F2A J . -0.38 -3.35 -4.24
C3' F2A J . 0.92 -2.92 -3.52
O3' F2A J . 2.06 -3.01 -4.40
MN MN K . -2.59 17.16 26.04
MG MG L . 2.31 16.40 -25.28
MG MG M . 13.21 -3.49 19.73
#